data_5FCM
#
_entry.id   5FCM
#
_cell.length_a   92.740
_cell.length_b   92.740
_cell.length_c   164.070
_cell.angle_alpha   90.00
_cell.angle_beta   90.00
_cell.angle_gamma   90.00
#
_symmetry.space_group_name_H-M   'I 41 2 2'
#
loop_
_entity.id
_entity.type
_entity.pdbx_description
1 polymer 'Basal body protein'
2 non-polymer 'ISOPROPYL ALCOHOL'
3 non-polymer 'SULFATE ION'
4 water water
#
_entity_poly.entity_id   1
_entity_poly.type   'polypeptide(L)'
_entity_poly.pdbx_seq_one_letter_code
;GSMAIDVDRTLAVLRRKLEALGYSDPLEPASLQLVQKLVEDLVHTTDSYTAVKQQCAKQAQEIAAFDTRLES
;
_entity_poly.pdbx_strand_id   A,B,C,D
#
loop_
_chem_comp.id
_chem_comp.type
_chem_comp.name
_chem_comp.formula
IPA non-polymer 'ISOPROPYL ALCOHOL' 'C3 H8 O'
SO4 non-polymer 'SULFATE ION' 'O4 S -2'
#
# COMPACT_ATOMS: atom_id res chain seq x y z
N MET A 3 16.77 -1.32 -21.79
CA MET A 3 15.31 -1.38 -21.74
C MET A 3 14.84 -1.38 -20.30
N ALA A 4 15.33 -2.33 -19.52
CA ALA A 4 15.11 -2.31 -18.07
C ALA A 4 15.84 -1.12 -17.48
N ILE A 5 16.90 -0.69 -18.16
CA ILE A 5 17.64 0.50 -17.76
C ILE A 5 16.78 1.74 -17.92
N ASP A 6 15.96 1.75 -18.97
CA ASP A 6 15.08 2.89 -19.24
C ASP A 6 13.99 2.97 -18.18
N VAL A 7 13.40 1.82 -17.87
CA VAL A 7 12.38 1.73 -16.82
C VAL A 7 13.00 2.18 -15.51
N ASP A 8 14.20 1.69 -15.23
CA ASP A 8 14.91 2.04 -14.01
C ASP A 8 15.05 3.54 -13.88
N ARG A 9 15.43 4.18 -14.98
CA ARG A 9 15.57 5.64 -15.00
C ARG A 9 14.22 6.29 -14.76
N THR A 10 13.19 5.77 -15.41
CA THR A 10 11.83 6.30 -15.26
C THR A 10 11.43 6.28 -13.78
N LEU A 11 11.64 5.15 -13.12
CA LEU A 11 11.32 5.03 -11.70
C LEU A 11 12.13 6.03 -10.88
N ALA A 12 13.39 6.22 -11.27
CA ALA A 12 14.27 7.14 -10.56
C ALA A 12 13.75 8.57 -10.66
N VAL A 13 13.40 8.98 -11.88
CA VAL A 13 12.87 10.32 -12.12
C VAL A 13 11.57 10.49 -11.36
N LEU A 14 10.67 9.52 -11.51
CA LEU A 14 9.38 9.55 -10.84
C LEU A 14 9.55 9.72 -9.33
N ARG A 15 10.43 8.91 -8.76
CA ARG A 15 10.64 8.90 -7.31
C ARG A 15 11.13 10.26 -6.84
N ARG A 16 12.01 10.87 -7.61
CA ARG A 16 12.49 12.23 -7.32
C ARG A 16 11.32 13.19 -7.28
N LYS A 17 10.48 13.13 -8.31
CA LYS A 17 9.35 14.03 -8.47
C LYS A 17 8.39 13.94 -7.28
N LEU A 18 8.09 12.71 -6.86
CA LEU A 18 7.16 12.48 -5.75
C LEU A 18 7.70 13.08 -4.46
N GLU A 19 8.94 12.75 -4.12
CA GLU A 19 9.59 13.31 -2.96
C GLU A 19 9.79 14.81 -3.13
N ALA A 20 9.94 15.23 -4.39
CA ALA A 20 10.06 16.65 -4.71
C ALA A 20 8.70 17.33 -4.62
N LEU A 21 8.72 18.64 -4.41
CA LEU A 21 7.49 19.41 -4.29
C LEU A 21 7.12 20.01 -5.65
N GLY A 22 5.83 20.30 -5.83
CA GLY A 22 5.35 20.84 -7.09
C GLY A 22 4.61 19.82 -7.93
N TYR A 23 4.62 18.57 -7.47
CA TYR A 23 3.91 17.48 -8.16
C TYR A 23 2.83 16.90 -7.25
N SER A 24 2.45 17.66 -6.22
CA SER A 24 1.45 17.21 -5.26
C SER A 24 0.05 17.46 -5.80
N ASP A 25 -0.08 18.41 -6.71
CA ASP A 25 -1.36 18.71 -7.33
C ASP A 25 -1.55 17.88 -8.60
N PRO A 26 -2.38 16.83 -8.54
CA PRO A 26 -2.50 15.93 -9.69
C PRO A 26 -3.07 16.58 -10.96
N LEU A 27 -3.69 17.75 -10.82
CA LEU A 27 -4.24 18.45 -11.98
C LEU A 27 -3.27 19.49 -12.52
N GLU A 28 -2.11 19.61 -11.89
CA GLU A 28 -1.03 20.43 -12.42
C GLU A 28 -0.54 19.77 -13.73
N PRO A 29 -0.22 20.57 -14.75
CA PRO A 29 0.11 19.95 -16.04
C PRO A 29 1.30 19.00 -15.95
N ALA A 30 2.27 19.33 -15.11
CA ALA A 30 3.44 18.49 -14.94
C ALA A 30 3.05 17.13 -14.37
N SER A 31 2.05 17.11 -13.49
CA SER A 31 1.61 15.87 -12.87
C SER A 31 0.85 15.00 -13.86
N LEU A 32 -0.02 15.63 -14.65
CA LEU A 32 -0.83 14.90 -15.62
C LEU A 32 0.02 14.29 -16.73
N GLN A 33 1.09 14.98 -17.10
CA GLN A 33 1.99 14.49 -18.15
C GLN A 33 2.89 13.40 -17.61
N LEU A 34 3.20 13.47 -16.32
CA LEU A 34 3.97 12.42 -15.67
C LEU A 34 3.18 11.12 -15.69
N VAL A 35 1.89 11.21 -15.36
CA VAL A 35 1.00 10.05 -15.43
C VAL A 35 0.88 9.59 -16.87
N GLN A 36 0.77 10.54 -17.79
CA GLN A 36 0.61 10.22 -19.21
C GLN A 36 1.84 9.51 -19.75
N LYS A 37 3.03 9.94 -19.30
CA LYS A 37 4.27 9.30 -19.73
C LYS A 37 4.30 7.83 -19.31
N LEU A 38 3.99 7.59 -18.04
CA LEU A 38 3.98 6.23 -17.51
C LEU A 38 3.05 5.34 -18.31
N VAL A 39 1.87 5.85 -18.63
CA VAL A 39 0.90 5.10 -19.43
C VAL A 39 1.52 4.75 -20.77
N GLU A 40 2.12 5.75 -21.42
CA GLU A 40 2.69 5.54 -22.74
C GLU A 40 3.87 4.57 -22.66
N ASP A 41 4.66 4.67 -21.60
CA ASP A 41 5.76 3.74 -21.37
C ASP A 41 5.22 2.30 -21.30
N LEU A 42 4.13 2.13 -20.57
CA LEU A 42 3.51 0.83 -20.40
C LEU A 42 2.98 0.30 -21.74
N VAL A 43 2.44 1.19 -22.56
CA VAL A 43 1.92 0.81 -23.87
C VAL A 43 3.06 0.29 -24.75
N HIS A 44 4.13 1.07 -24.84
CA HIS A 44 5.28 0.70 -25.67
C HIS A 44 5.89 -0.61 -25.21
N THR A 45 6.05 -0.75 -23.90
CA THR A 45 6.62 -1.96 -23.32
C THR A 45 5.71 -3.15 -23.60
N THR A 46 4.40 -2.92 -23.55
CA THR A 46 3.43 -3.98 -23.81
C THR A 46 3.45 -4.37 -25.28
N ASP A 47 3.74 -3.39 -26.15
CA ASP A 47 3.86 -3.65 -27.58
C ASP A 47 5.09 -4.52 -27.84
N SER A 48 6.21 -4.13 -27.25
CA SER A 48 7.46 -4.86 -27.42
C SER A 48 7.32 -6.30 -26.92
N TYR A 49 6.68 -6.46 -25.76
CA TYR A 49 6.45 -7.77 -25.19
C TYR A 49 5.64 -8.64 -26.14
N THR A 50 4.64 -8.03 -26.77
CA THR A 50 3.78 -8.74 -27.72
C THR A 50 4.59 -9.21 -28.92
N ALA A 51 5.46 -8.33 -29.43
CA ALA A 51 6.25 -8.63 -30.62
C ALA A 51 7.26 -9.74 -30.34
N VAL A 52 7.95 -9.66 -29.20
CA VAL A 52 8.97 -10.64 -28.87
C VAL A 52 8.31 -11.99 -28.56
N LYS A 53 7.06 -11.96 -28.12
CA LYS A 53 6.31 -13.18 -27.90
C LYS A 53 6.02 -13.85 -29.23
N GLN A 54 5.87 -13.05 -30.28
CA GLN A 54 5.70 -13.58 -31.61
C GLN A 54 6.94 -14.15 -32.19
N GLN A 55 8.05 -13.46 -31.96
CA GLN A 55 9.37 -13.92 -32.34
C GLN A 55 9.62 -15.30 -31.75
N CYS A 56 9.42 -15.40 -30.43
CA CYS A 56 9.61 -16.63 -29.70
C CYS A 56 8.71 -17.74 -30.27
N ALA A 57 7.49 -17.37 -30.65
CA ALA A 57 6.52 -18.32 -31.17
C ALA A 57 6.96 -18.85 -32.53
N LYS A 58 7.47 -17.96 -33.37
CA LYS A 58 7.95 -18.35 -34.70
C LYS A 58 9.17 -19.27 -34.58
N GLN A 59 10.05 -18.95 -33.64
CA GLN A 59 11.24 -19.77 -33.41
C GLN A 59 10.86 -21.16 -32.92
N ALA A 60 9.88 -21.24 -32.03
CA ALA A 60 9.39 -22.52 -31.53
C ALA A 60 8.86 -23.36 -32.69
N GLN A 61 8.24 -22.69 -33.66
CA GLN A 61 7.71 -23.36 -34.84
C GLN A 61 8.85 -23.91 -35.70
N GLU A 62 9.91 -23.11 -35.84
CA GLU A 62 11.07 -23.51 -36.62
C GLU A 62 11.77 -24.69 -35.97
N ILE A 63 11.82 -24.69 -34.64
CA ILE A 63 12.48 -25.75 -33.89
C ILE A 63 11.70 -27.05 -34.05
N ALA A 64 10.38 -26.97 -33.86
CA ALA A 64 9.52 -28.14 -33.98
C ALA A 64 9.56 -28.70 -35.41
N ALA A 65 9.90 -27.85 -36.37
CA ALA A 65 9.98 -28.26 -37.77
C ALA A 65 11.17 -29.19 -38.01
N PHE A 66 12.21 -29.05 -37.20
CA PHE A 66 13.37 -29.93 -37.30
C PHE A 66 13.05 -31.32 -36.76
N ASP A 67 12.32 -31.37 -35.66
CA ASP A 67 11.98 -32.62 -34.99
C ASP A 67 11.28 -33.58 -35.95
N THR A 68 10.47 -33.03 -36.85
CA THR A 68 9.70 -33.85 -37.78
C THR A 68 10.58 -34.35 -38.92
N ARG A 69 11.55 -33.53 -39.33
CA ARG A 69 12.50 -33.92 -40.36
C ARG A 69 13.31 -35.13 -39.89
N LEU A 70 13.29 -35.38 -38.58
CA LEU A 70 13.91 -36.58 -38.01
C LEU A 70 12.93 -37.28 -37.09
N ASP B 6 -18.21 21.20 -17.08
CA ASP B 6 -17.17 20.25 -17.43
C ASP B 6 -16.69 19.51 -16.19
N VAL B 7 -16.05 18.35 -16.40
CA VAL B 7 -15.63 17.50 -15.28
C VAL B 7 -14.55 18.18 -14.45
N ASP B 8 -13.77 19.07 -15.06
CA ASP B 8 -12.69 19.74 -14.36
C ASP B 8 -13.23 20.66 -13.26
N ARG B 9 -14.34 21.33 -13.54
CA ARG B 9 -14.93 22.25 -12.57
C ARG B 9 -15.62 21.51 -11.44
N THR B 10 -16.22 20.36 -11.74
CA THR B 10 -16.89 19.57 -10.73
C THR B 10 -15.90 19.13 -9.66
N LEU B 11 -14.70 18.76 -10.10
CA LEU B 11 -13.66 18.32 -9.18
C LEU B 11 -13.10 19.48 -8.36
N ALA B 12 -13.00 20.64 -8.98
CA ALA B 12 -12.49 21.82 -8.30
C ALA B 12 -13.45 22.23 -7.18
N VAL B 13 -14.74 22.26 -7.51
CA VAL B 13 -15.78 22.56 -6.53
C VAL B 13 -15.69 21.55 -5.39
N LEU B 14 -15.67 20.26 -5.74
CA LEU B 14 -15.63 19.19 -4.76
C LEU B 14 -14.37 19.30 -3.89
N ARG B 15 -13.27 19.72 -4.50
CA ARG B 15 -12.03 19.96 -3.78
C ARG B 15 -12.21 21.03 -2.70
N ARG B 16 -12.83 22.14 -3.08
CA ARG B 16 -13.00 23.28 -2.18
C ARG B 16 -13.85 22.89 -0.97
N LYS B 17 -14.99 22.26 -1.23
CA LYS B 17 -15.90 21.88 -0.16
C LYS B 17 -15.28 20.89 0.81
N LEU B 18 -14.32 20.11 0.33
CA LEU B 18 -13.65 19.12 1.17
C LEU B 18 -12.54 19.74 2.00
N GLU B 19 -11.91 20.78 1.47
CA GLU B 19 -10.90 21.53 2.22
C GLU B 19 -11.56 22.22 3.41
N ALA B 20 -12.77 22.75 3.17
CA ALA B 20 -13.52 23.43 4.20
C ALA B 20 -13.81 22.48 5.36
N LEU B 21 -14.09 21.23 5.03
CA LEU B 21 -14.41 20.21 6.03
C LEU B 21 -13.16 19.61 6.66
N GLY B 22 -11.99 20.06 6.19
CA GLY B 22 -10.73 19.60 6.74
C GLY B 22 -10.16 18.36 6.08
N TYR B 23 -10.61 18.08 4.85
CA TYR B 23 -10.12 16.92 4.11
C TYR B 23 -9.11 17.33 3.03
N SER B 24 -8.00 16.60 2.96
CA SER B 24 -7.00 16.84 1.92
C SER B 24 -7.56 16.51 0.55
N ASP B 25 -6.90 17.03 -0.49
CA ASP B 25 -7.30 16.79 -1.87
C ASP B 25 -7.60 15.31 -2.12
N PRO B 26 -8.84 14.99 -2.54
CA PRO B 26 -9.20 13.58 -2.77
C PRO B 26 -8.61 12.99 -4.06
N LEU B 27 -8.19 13.85 -4.97
CA LEU B 27 -7.63 13.39 -6.24
C LEU B 27 -6.22 12.86 -6.07
N GLU B 28 -5.50 13.40 -5.08
CA GLU B 28 -4.12 13.00 -4.87
C GLU B 28 -4.01 11.51 -4.52
N PRO B 29 -4.77 11.05 -3.50
CA PRO B 29 -4.74 9.61 -3.21
C PRO B 29 -5.07 8.74 -4.41
N ALA B 30 -6.11 9.11 -5.15
CA ALA B 30 -6.54 8.35 -6.32
C ALA B 30 -5.43 8.32 -7.37
N SER B 31 -4.74 9.45 -7.52
CA SER B 31 -3.66 9.56 -8.49
C SER B 31 -2.49 8.67 -8.09
N LEU B 32 -2.21 8.61 -6.80
CA LEU B 32 -1.10 7.81 -6.29
C LEU B 32 -1.36 6.32 -6.52
N GLN B 33 -2.60 5.88 -6.28
CA GLN B 33 -2.97 4.49 -6.53
C GLN B 33 -2.81 4.12 -7.99
N LEU B 34 -3.22 5.02 -8.88
CA LEU B 34 -3.07 4.80 -10.31
C LEU B 34 -1.60 4.58 -10.65
N VAL B 35 -0.74 5.45 -10.13
CA VAL B 35 0.69 5.36 -10.37
C VAL B 35 1.22 4.04 -9.82
N GLN B 36 0.78 3.67 -8.63
CA GLN B 36 1.16 2.38 -8.05
C GLN B 36 0.92 1.25 -9.03
N LYS B 37 -0.28 1.20 -9.60
CA LYS B 37 -0.65 0.13 -10.52
C LYS B 37 0.14 0.21 -11.82
N LEU B 38 0.34 1.43 -12.32
CA LEU B 38 1.11 1.62 -13.54
C LEU B 38 2.55 1.16 -13.36
N VAL B 39 3.14 1.51 -12.23
CA VAL B 39 4.52 1.12 -11.93
C VAL B 39 4.62 -0.40 -11.88
N GLU B 40 3.70 -1.03 -11.17
CA GLU B 40 3.69 -2.48 -11.04
C GLU B 40 3.56 -3.15 -12.40
N ASP B 41 2.60 -2.70 -13.21
CA ASP B 41 2.40 -3.27 -14.53
C ASP B 41 3.60 -3.05 -15.43
N LEU B 42 4.17 -1.85 -15.35
CA LEU B 42 5.32 -1.50 -16.18
C LEU B 42 6.50 -2.42 -15.87
N VAL B 43 6.72 -2.68 -14.58
CA VAL B 43 7.83 -3.52 -14.15
C VAL B 43 7.54 -4.98 -14.49
N HIS B 44 6.32 -5.42 -14.21
CA HIS B 44 5.95 -6.81 -14.47
C HIS B 44 6.07 -7.13 -15.96
N THR B 45 5.57 -6.23 -16.81
CA THR B 45 5.63 -6.44 -18.25
C THR B 45 7.06 -6.40 -18.75
N THR B 46 7.90 -5.57 -18.12
CA THR B 46 9.29 -5.45 -18.51
C THR B 46 10.04 -6.73 -18.14
N ASP B 47 9.71 -7.30 -16.99
CA ASP B 47 10.33 -8.56 -16.56
C ASP B 47 9.99 -9.66 -17.53
N SER B 48 8.71 -9.77 -17.89
CA SER B 48 8.26 -10.79 -18.81
C SER B 48 8.93 -10.62 -20.17
N TYR B 49 8.99 -9.37 -20.64
CA TYR B 49 9.67 -9.06 -21.89
C TYR B 49 11.10 -9.59 -21.87
N THR B 50 11.84 -9.22 -20.83
CA THR B 50 13.23 -9.64 -20.68
C THR B 50 13.33 -11.16 -20.66
N ALA B 51 12.41 -11.80 -19.95
CA ALA B 51 12.41 -13.25 -19.83
C ALA B 51 12.22 -13.93 -21.18
N VAL B 52 11.28 -13.41 -21.98
CA VAL B 52 11.03 -13.96 -23.30
C VAL B 52 12.19 -13.62 -24.23
N LYS B 53 12.76 -12.44 -24.04
CA LYS B 53 13.88 -12.00 -24.87
C LYS B 53 15.07 -12.96 -24.70
N GLN B 54 15.21 -13.49 -23.49
CA GLN B 54 16.27 -14.44 -23.18
C GLN B 54 15.94 -15.81 -23.77
N GLN B 55 14.66 -16.14 -23.78
CA GLN B 55 14.21 -17.42 -24.34
C GLN B 55 14.44 -17.44 -25.84
N CYS B 56 14.35 -16.28 -26.47
CA CYS B 56 14.60 -16.16 -27.91
C CYS B 56 16.07 -16.40 -28.21
N ALA B 57 16.94 -15.86 -27.35
CA ALA B 57 18.38 -16.03 -27.52
C ALA B 57 18.74 -17.52 -27.48
N LYS B 58 18.21 -18.23 -26.48
CA LYS B 58 18.42 -19.66 -26.36
C LYS B 58 17.96 -20.39 -27.62
N GLN B 59 16.73 -20.10 -28.05
CA GLN B 59 16.16 -20.73 -29.23
C GLN B 59 16.97 -20.40 -30.47
N ALA B 60 17.52 -19.18 -30.51
CA ALA B 60 18.33 -18.76 -31.64
C ALA B 60 19.59 -19.62 -31.75
N GLN B 61 20.20 -19.94 -30.60
CA GLN B 61 21.36 -20.81 -30.56
C GLN B 61 20.99 -22.22 -30.98
N GLU B 62 19.87 -22.70 -30.46
CA GLU B 62 19.38 -24.04 -30.75
C GLU B 62 19.12 -24.19 -32.26
N ILE B 63 18.63 -23.12 -32.86
CA ILE B 63 18.33 -23.11 -34.28
C ILE B 63 19.63 -23.05 -35.08
N ALA B 64 20.62 -22.32 -34.56
CA ALA B 64 21.91 -22.21 -35.21
C ALA B 64 22.65 -23.55 -35.20
N ALA B 65 22.37 -24.36 -34.19
CA ALA B 65 23.00 -25.66 -34.05
C ALA B 65 22.37 -26.68 -35.01
N PHE B 66 21.07 -26.59 -35.18
CA PHE B 66 20.37 -27.48 -36.11
C PHE B 66 20.89 -27.29 -37.53
N ASP B 67 21.06 -26.03 -37.93
CA ASP B 67 21.56 -25.72 -39.25
C ASP B 67 22.91 -26.38 -39.53
N THR B 68 23.92 -26.00 -38.75
CA THR B 68 25.25 -26.54 -38.92
C THR B 68 25.35 -27.97 -38.39
N MET C 3 -24.74 31.63 36.33
CA MET C 3 -24.36 30.22 36.32
C MET C 3 -24.69 29.58 34.97
N ALA C 4 -25.70 30.12 34.29
CA ALA C 4 -26.11 29.61 32.98
C ALA C 4 -24.99 29.78 31.96
N ILE C 5 -24.35 30.94 31.97
CA ILE C 5 -23.24 31.21 31.08
C ILE C 5 -22.04 30.39 31.51
N ASP C 6 -21.86 30.27 32.82
CA ASP C 6 -20.71 29.57 33.37
C ASP C 6 -20.73 28.07 33.07
N VAL C 7 -21.92 27.47 33.09
CA VAL C 7 -22.03 26.05 32.79
C VAL C 7 -21.81 25.83 31.30
N ASP C 8 -22.30 26.75 30.47
CA ASP C 8 -22.12 26.65 29.03
C ASP C 8 -20.65 26.82 28.66
N ARG C 9 -19.98 27.75 29.33
CA ARG C 9 -18.55 27.98 29.10
C ARG C 9 -17.75 26.74 29.49
N THR C 10 -18.02 26.22 30.67
CA THR C 10 -17.28 25.06 31.19
C THR C 10 -17.51 23.83 30.31
N LEU C 11 -18.76 23.60 29.92
CA LEU C 11 -19.08 22.44 29.10
C LEU C 11 -18.43 22.55 27.72
N ALA C 12 -18.37 23.76 27.18
CA ALA C 12 -17.73 23.99 25.89
C ALA C 12 -16.26 23.63 25.96
N VAL C 13 -15.59 24.06 27.03
CA VAL C 13 -14.19 23.74 27.24
C VAL C 13 -14.00 22.22 27.21
N LEU C 14 -14.85 21.52 27.95
CA LEU C 14 -14.78 20.06 28.03
C LEU C 14 -15.03 19.43 26.67
N ARG C 15 -16.04 19.94 25.96
CA ARG C 15 -16.36 19.44 24.63
C ARG C 15 -15.20 19.65 23.66
N ARG C 16 -14.56 20.82 23.76
CA ARG C 16 -13.45 21.15 22.88
C ARG C 16 -12.24 20.25 23.14
N LYS C 17 -11.99 19.92 24.40
CA LYS C 17 -10.89 19.04 24.75
C LYS C 17 -11.13 17.65 24.15
N LEU C 18 -12.34 17.13 24.31
CA LEU C 18 -12.68 15.81 23.80
C LEU C 18 -12.53 15.75 22.27
N GLU C 19 -13.09 16.76 21.60
CA GLU C 19 -13.05 16.82 20.15
C GLU C 19 -11.62 16.95 19.65
N ALA C 20 -10.78 17.64 20.42
CA ALA C 20 -9.37 17.79 20.06
C ALA C 20 -8.65 16.46 20.14
N LEU C 21 -9.13 15.58 21.02
CA LEU C 21 -8.55 14.25 21.17
C LEU C 21 -9.12 13.27 20.15
N GLY C 22 -10.13 13.71 19.41
CA GLY C 22 -10.76 12.87 18.40
C GLY C 22 -11.98 12.12 18.88
N TYR C 23 -12.41 12.40 20.11
CA TYR C 23 -13.59 11.77 20.67
C TYR C 23 -14.80 12.67 20.44
N SER C 24 -15.40 12.52 19.26
CA SER C 24 -16.41 13.46 18.78
C SER C 24 -17.79 12.84 18.66
N ASP C 25 -18.07 11.84 19.49
CA ASP C 25 -19.42 11.29 19.57
C ASP C 25 -19.87 11.27 21.03
N PRO C 26 -20.49 12.37 21.50
CA PRO C 26 -20.87 12.49 22.91
C PRO C 26 -22.04 11.59 23.33
N LEU C 27 -22.60 10.85 22.39
CA LEU C 27 -23.68 9.90 22.70
C LEU C 27 -23.12 8.54 23.07
N GLU C 28 -21.82 8.35 22.84
CA GLU C 28 -21.17 7.08 23.11
C GLU C 28 -20.12 7.23 24.20
N PRO C 29 -19.98 6.22 25.08
CA PRO C 29 -18.91 6.30 26.07
C PRO C 29 -17.53 6.25 25.41
N ALA C 30 -16.56 6.91 26.05
CA ALA C 30 -15.20 7.01 25.50
C ALA C 30 -14.66 5.63 25.15
N SER C 31 -14.98 4.64 25.99
CA SER C 31 -14.48 3.29 25.79
C SER C 31 -14.99 2.72 24.47
N LEU C 32 -16.25 2.99 24.15
CA LEU C 32 -16.86 2.50 22.93
C LEU C 32 -16.27 3.22 21.71
N GLN C 33 -16.06 4.52 21.83
CA GLN C 33 -15.46 5.29 20.75
C GLN C 33 -14.06 4.78 20.46
N LEU C 34 -13.35 4.38 21.50
CA LEU C 34 -11.99 3.88 21.36
C LEU C 34 -11.96 2.53 20.67
N VAL C 35 -12.91 1.66 21.02
CA VAL C 35 -13.02 0.35 20.37
C VAL C 35 -13.14 0.54 18.87
N GLN C 36 -14.06 1.42 18.46
CA GLN C 36 -14.30 1.62 17.03
C GLN C 36 -13.03 2.11 16.32
N LYS C 37 -12.32 3.05 16.93
CA LYS C 37 -11.06 3.54 16.36
C LYS C 37 -10.06 2.41 16.15
N LEU C 38 -9.87 1.62 17.20
CA LEU C 38 -8.89 0.53 17.16
C LEU C 38 -9.25 -0.51 16.10
N VAL C 39 -10.54 -0.78 15.96
CA VAL C 39 -11.02 -1.76 15.00
C VAL C 39 -10.82 -1.26 13.58
N GLU C 40 -11.12 0.02 13.35
CA GLU C 40 -10.83 0.65 12.07
C GLU C 40 -9.36 0.48 11.76
N ASP C 41 -8.52 0.69 12.76
CA ASP C 41 -7.07 0.58 12.62
C ASP C 41 -6.69 -0.86 12.30
N LEU C 42 -7.32 -1.80 12.99
CA LEU C 42 -7.02 -3.21 12.80
C LEU C 42 -7.41 -3.68 11.40
N VAL C 43 -8.50 -3.13 10.89
CA VAL C 43 -8.99 -3.51 9.57
C VAL C 43 -8.01 -3.07 8.48
N HIS C 44 -7.67 -1.79 8.46
CA HIS C 44 -6.83 -1.26 7.39
CA HIS C 44 -6.82 -1.25 7.40
C HIS C 44 -5.38 -1.73 7.54
N THR C 45 -5.00 -2.12 8.76
CA THR C 45 -3.66 -2.64 8.99
C THR C 45 -3.58 -4.09 8.53
N THR C 46 -4.64 -4.84 8.79
CA THR C 46 -4.72 -6.23 8.32
C THR C 46 -4.75 -6.26 6.80
N ASP C 47 -5.51 -5.34 6.21
CA ASP C 47 -5.57 -5.24 4.75
C ASP C 47 -4.23 -4.82 4.18
N SER C 48 -3.51 -3.96 4.89
CA SER C 48 -2.19 -3.53 4.45
C SER C 48 -1.22 -4.70 4.47
N TYR C 49 -1.34 -5.54 5.50
CA TYR C 49 -0.54 -6.75 5.59
C TYR C 49 -0.83 -7.66 4.40
N THR C 50 -2.11 -7.87 4.12
CA THR C 50 -2.53 -8.72 3.01
C THR C 50 -1.94 -8.24 1.69
N ALA C 51 -2.09 -6.94 1.42
CA ALA C 51 -1.64 -6.36 0.17
C ALA C 51 -0.15 -6.54 -0.04
N VAL C 52 0.65 -6.24 0.99
CA VAL C 52 2.09 -6.36 0.87
C VAL C 52 2.50 -7.83 0.96
N LYS C 53 1.66 -8.64 1.60
CA LYS C 53 1.91 -10.08 1.69
C LYS C 53 1.74 -10.72 0.30
N GLN C 54 0.99 -10.06 -0.57
CA GLN C 54 0.78 -10.55 -1.94
C GLN C 54 2.03 -10.35 -2.78
N GLN C 55 2.55 -9.12 -2.82
CA GLN C 55 3.73 -8.84 -3.62
C GLN C 55 4.93 -9.57 -3.03
N CYS C 56 4.92 -9.75 -1.72
CA CYS C 56 5.95 -10.51 -1.04
C CYS C 56 5.98 -11.94 -1.56
N ALA C 57 4.81 -12.47 -1.86
CA ALA C 57 4.69 -13.85 -2.34
C ALA C 57 5.17 -13.99 -3.78
N LYS C 58 4.95 -12.96 -4.59
CA LYS C 58 5.43 -12.96 -5.96
C LYS C 58 6.95 -13.04 -5.98
N GLN C 59 7.58 -12.20 -5.15
CA GLN C 59 9.03 -12.17 -5.05
C GLN C 59 9.59 -13.53 -4.66
N ALA C 60 8.89 -14.22 -3.76
CA ALA C 60 9.37 -15.49 -3.24
C ALA C 60 9.35 -16.57 -4.31
N GLN C 61 8.31 -16.58 -5.13
CA GLN C 61 8.22 -17.52 -6.24
C GLN C 61 9.32 -17.23 -7.26
N GLU C 62 9.66 -15.95 -7.42
CA GLU C 62 10.70 -15.54 -8.35
C GLU C 62 12.07 -16.01 -7.86
N ILE C 63 12.29 -15.95 -6.54
CA ILE C 63 13.57 -16.33 -5.96
C ILE C 63 13.73 -17.85 -6.00
N ALA C 64 12.63 -18.56 -5.77
CA ALA C 64 12.65 -20.02 -5.79
C ALA C 64 13.08 -20.53 -7.15
N ALA C 65 12.78 -19.74 -8.18
CA ALA C 65 13.15 -20.11 -9.55
C ALA C 65 14.66 -20.07 -9.75
N PHE C 66 15.34 -19.22 -8.97
CA PHE C 66 16.78 -19.08 -9.08
C PHE C 66 17.49 -20.40 -8.83
N ASP C 67 16.97 -21.18 -7.89
CA ASP C 67 17.55 -22.47 -7.55
C ASP C 67 17.64 -23.39 -8.76
N THR C 68 16.82 -23.13 -9.78
CA THR C 68 16.81 -23.92 -11.00
C THR C 68 17.72 -23.30 -12.06
N ARG C 69 17.66 -21.98 -12.20
CA ARG C 69 18.46 -21.28 -13.20
C ARG C 69 19.94 -21.29 -12.84
N LEU C 70 20.23 -21.30 -11.54
CA LEU C 70 21.61 -21.30 -11.07
C LEU C 70 22.23 -22.70 -11.12
N GLU C 71 21.47 -23.66 -11.61
CA GLU C 71 21.99 -25.01 -11.81
C GLU C 71 22.91 -25.05 -13.03
N SER C 72 22.76 -24.06 -13.89
CA SER C 72 23.53 -23.98 -15.13
C SER C 72 24.22 -22.62 -15.23
N ALA D 4 -2.31 9.12 53.98
CA ALA D 4 -2.86 9.30 52.64
C ALA D 4 -2.89 7.97 51.89
N ILE D 5 -3.31 8.02 50.63
CA ILE D 5 -3.55 6.81 49.86
C ILE D 5 -3.00 6.90 48.44
N ASP D 6 -2.79 5.74 47.83
CA ASP D 6 -2.25 5.68 46.48
C ASP D 6 -3.37 5.79 45.45
N VAL D 7 -3.00 5.75 44.17
CA VAL D 7 -3.95 5.88 43.07
C VAL D 7 -4.97 4.76 43.10
N ASP D 8 -4.52 3.54 43.37
CA ASP D 8 -5.41 2.38 43.44
C ASP D 8 -6.58 2.62 44.38
N ARG D 9 -6.25 2.95 45.63
CA ARG D 9 -7.29 3.18 46.64
C ARG D 9 -8.20 4.32 46.24
N THR D 10 -7.63 5.38 45.66
CA THR D 10 -8.42 6.52 45.24
C THR D 10 -9.45 6.10 44.18
N LEU D 11 -9.02 5.27 43.24
CA LEU D 11 -9.91 4.79 42.19
C LEU D 11 -11.04 3.96 42.79
N ALA D 12 -10.70 3.12 43.78
CA ALA D 12 -11.69 2.29 44.44
C ALA D 12 -12.71 3.15 45.17
N VAL D 13 -12.23 4.16 45.89
CA VAL D 13 -13.10 5.07 46.61
C VAL D 13 -14.03 5.79 45.63
N LEU D 14 -13.48 6.22 44.50
CA LEU D 14 -14.25 6.93 43.49
C LEU D 14 -15.29 6.02 42.84
N ARG D 15 -14.93 4.77 42.61
CA ARG D 15 -15.80 3.84 41.90
C ARG D 15 -17.02 3.46 42.74
N ARG D 16 -16.90 3.50 44.06
CA ARG D 16 -18.04 3.19 44.93
C ARG D 16 -18.90 4.43 45.13
N LYS D 17 -18.27 5.60 45.17
CA LYS D 17 -19.00 6.86 45.30
C LYS D 17 -19.82 7.14 44.04
N LEU D 18 -19.23 6.88 42.89
CA LEU D 18 -19.91 7.09 41.62
C LEU D 18 -21.08 6.14 41.47
N GLU D 19 -20.82 4.85 41.72
CA GLU D 19 -21.88 3.85 41.66
C GLU D 19 -22.99 4.15 42.67
N ALA D 20 -22.62 4.81 43.76
CA ALA D 20 -23.59 5.20 44.78
C ALA D 20 -24.46 6.36 44.30
N LEU D 21 -24.05 6.99 43.20
CA LEU D 21 -24.82 8.07 42.60
C LEU D 21 -25.57 7.61 41.36
N GLY D 22 -25.44 6.32 41.04
CA GLY D 22 -26.09 5.76 39.86
C GLY D 22 -25.27 5.94 38.60
N TYR D 23 -24.00 6.29 38.76
CA TYR D 23 -23.10 6.44 37.64
C TYR D 23 -22.53 5.10 37.21
N SER D 24 -22.28 4.94 35.92
CA SER D 24 -21.66 3.73 35.40
C SER D 24 -20.22 3.64 35.90
N ASP D 25 -19.73 2.41 36.05
CA ASP D 25 -18.34 2.19 36.41
C ASP D 25 -17.45 2.45 35.20
N PRO D 26 -16.67 3.55 35.22
CA PRO D 26 -15.88 3.86 34.02
C PRO D 26 -14.89 2.76 33.67
N LEU D 27 -14.34 2.11 34.68
CA LEU D 27 -13.40 1.01 34.46
C LEU D 27 -14.12 -0.33 34.43
N GLU D 28 -15.24 -0.37 33.73
CA GLU D 28 -15.97 -1.63 33.53
C GLU D 28 -14.99 -2.72 33.08
N PRO D 29 -14.88 -3.82 33.85
CA PRO D 29 -13.89 -4.84 33.49
C PRO D 29 -14.10 -5.46 32.11
N ALA D 30 -15.36 -5.71 31.75
CA ALA D 30 -15.66 -6.32 30.46
C ALA D 30 -15.08 -5.50 29.31
N SER D 31 -15.40 -4.21 29.29
CA SER D 31 -14.89 -3.32 28.25
C SER D 31 -13.37 -3.20 28.35
N LEU D 32 -12.86 -3.19 29.58
CA LEU D 32 -11.44 -3.01 29.79
C LEU D 32 -10.64 -4.18 29.23
N GLN D 33 -11.18 -5.37 29.36
CA GLN D 33 -10.53 -6.57 28.83
C GLN D 33 -10.54 -6.55 27.30
N LEU D 34 -11.66 -6.11 26.74
CA LEU D 34 -11.79 -6.01 25.28
C LEU D 34 -10.74 -5.07 24.71
N VAL D 35 -10.55 -3.91 25.35
CA VAL D 35 -9.58 -2.95 24.89
C VAL D 35 -8.18 -3.56 24.96
N GLN D 36 -7.93 -4.33 26.01
CA GLN D 36 -6.62 -4.94 26.20
C GLN D 36 -6.27 -5.89 25.07
N LYS D 37 -7.16 -6.83 24.77
CA LYS D 37 -6.92 -7.80 23.71
C LYS D 37 -6.98 -7.14 22.34
N LEU D 38 -7.83 -6.12 22.21
CA LEU D 38 -7.94 -5.39 20.95
C LEU D 38 -6.61 -4.70 20.64
N VAL D 39 -5.99 -4.14 21.67
CA VAL D 39 -4.69 -3.51 21.54
C VAL D 39 -3.65 -4.56 21.17
N GLU D 40 -3.71 -5.70 21.85
CA GLU D 40 -2.72 -6.76 21.65
C GLU D 40 -2.76 -7.29 20.22
N ASP D 41 -3.96 -7.60 19.74
CA ASP D 41 -4.12 -8.10 18.37
C ASP D 41 -3.63 -7.06 17.36
N LEU D 42 -3.84 -5.79 17.67
CA LEU D 42 -3.39 -4.72 16.79
C LEU D 42 -1.87 -4.61 16.82
N VAL D 43 -1.29 -4.84 17.99
CA VAL D 43 0.16 -4.86 18.15
C VAL D 43 0.74 -5.99 17.30
N HIS D 44 0.14 -7.16 17.42
CA HIS D 44 0.57 -8.32 16.65
C HIS D 44 0.45 -8.08 15.15
N THR D 45 -0.71 -7.62 14.72
CA THR D 45 -0.95 -7.36 13.30
C THR D 45 0.00 -6.29 12.78
N THR D 46 0.24 -5.27 13.58
CA THR D 46 1.16 -4.20 13.20
C THR D 46 2.58 -4.74 13.09
N ASP D 47 2.92 -5.69 13.96
CA ASP D 47 4.23 -6.31 13.93
C ASP D 47 4.41 -7.13 12.65
N SER D 48 3.35 -7.84 12.27
CA SER D 48 3.38 -8.65 11.05
C SER D 48 3.50 -7.76 9.82
N TYR D 49 2.78 -6.65 9.82
CA TYR D 49 2.82 -5.71 8.70
C TYR D 49 4.24 -5.18 8.49
N THR D 50 4.86 -4.74 9.58
CA THR D 50 6.23 -4.23 9.52
C THR D 50 7.17 -5.30 8.97
N ALA D 51 7.03 -6.52 9.46
CA ALA D 51 7.92 -7.61 9.08
C ALA D 51 7.85 -7.88 7.57
N VAL D 52 6.64 -7.86 7.01
CA VAL D 52 6.46 -8.18 5.61
C VAL D 52 7.01 -7.06 4.73
N LYS D 53 6.86 -5.82 5.17
CA LYS D 53 7.44 -4.69 4.45
C LYS D 53 8.96 -4.88 4.38
N GLN D 54 9.53 -5.36 5.48
CA GLN D 54 10.96 -5.58 5.58
C GLN D 54 11.39 -6.76 4.72
N GLN D 55 10.52 -7.75 4.63
CA GLN D 55 10.80 -8.94 3.84
C GLN D 55 10.85 -8.61 2.34
N CYS D 56 9.99 -7.69 1.91
CA CYS D 56 9.99 -7.26 0.51
C CYS D 56 11.29 -6.55 0.15
N ALA D 57 11.73 -5.65 1.02
CA ALA D 57 12.97 -4.94 0.80
C ALA D 57 14.12 -5.94 0.76
N LYS D 58 14.06 -6.95 1.63
CA LYS D 58 15.08 -7.99 1.70
C LYS D 58 15.09 -8.84 0.43
N GLN D 59 13.91 -9.33 0.06
CA GLN D 59 13.78 -10.15 -1.14
C GLN D 59 14.16 -9.37 -2.38
N ALA D 60 13.84 -8.08 -2.39
CA ALA D 60 14.21 -7.21 -3.50
C ALA D 60 15.74 -7.19 -3.65
N GLN D 61 16.44 -7.15 -2.52
CA GLN D 61 17.89 -7.19 -2.51
C GLN D 61 18.42 -8.49 -3.11
N GLU D 62 17.78 -9.60 -2.74
CA GLU D 62 18.20 -10.92 -3.21
C GLU D 62 17.99 -11.06 -4.71
N ILE D 63 16.89 -10.49 -5.21
CA ILE D 63 16.59 -10.55 -6.63
C ILE D 63 17.57 -9.66 -7.39
N ALA D 64 17.83 -8.48 -6.85
CA ALA D 64 18.76 -7.54 -7.47
C ALA D 64 20.15 -8.15 -7.60
N ALA D 65 20.57 -8.90 -6.59
CA ALA D 65 21.87 -9.56 -6.60
C ALA D 65 21.91 -10.63 -7.68
N PHE D 66 20.84 -11.38 -7.80
CA PHE D 66 20.75 -12.43 -8.82
C PHE D 66 20.75 -11.83 -10.23
N ASP D 67 20.08 -10.71 -10.40
CA ASP D 67 19.99 -10.05 -11.70
C ASP D 67 21.36 -9.56 -12.16
N THR D 68 22.24 -9.27 -11.21
CA THR D 68 23.62 -8.90 -11.53
C THR D 68 24.34 -10.13 -12.10
N ARG D 69 24.65 -11.08 -11.23
CA ARG D 69 25.24 -12.34 -11.65
C ARG D 69 24.80 -13.47 -10.74
C1 IPA E . 9.18 2.74 -22.27
C2 IPA E . 10.58 2.51 -21.72
C3 IPA E . 11.67 2.96 -22.71
O2 IPA E . 10.73 3.23 -20.52
H11 IPA E . 8.63 3.40 -21.59
H12 IPA E . 8.65 1.79 -22.34
H13 IPA E . 9.24 3.20 -23.25
H2 IPA E . 10.71 1.45 -21.51
H31 IPA E . 12.29 3.72 -22.24
H32 IPA E . 11.20 3.36 -23.60
H33 IPA E . 12.28 2.10 -22.98
HO2 IPA E . 10.08 2.91 -19.86
C1 IPA F . -5.96 10.51 -13.79
C2 IPA F . -5.48 11.51 -12.75
C3 IPA F . -6.37 11.56 -11.50
O2 IPA F . -4.16 11.17 -12.36
H11 IPA F . -5.18 9.78 -13.98
H12 IPA F . -6.19 11.05 -14.72
H13 IPA F . -6.85 10.01 -13.43
H2 IPA F . -5.45 12.51 -13.20
H31 IPA F . -5.77 11.31 -10.63
H32 IPA F . -7.18 10.84 -11.61
H33 IPA F . -6.78 12.56 -11.39
HO2 IPA F . -3.52 11.58 -12.97
C1 IPA G . 0.63 11.28 -8.14
C2 IPA G . 0.94 12.57 -8.90
C3 IPA G . 0.43 12.54 -10.33
O2 IPA G . 0.34 13.65 -8.22
H11 IPA G . 0.02 11.50 -7.26
H12 IPA G . 1.56 10.81 -7.82
H13 IPA G . 0.08 10.59 -8.79
H2 IPA G . 2.01 12.71 -8.91
H31 IPA G . -0.28 13.37 -10.48
H32 IPA G . -0.08 11.59 -10.52
H33 IPA G . 1.26 12.66 -11.02
HO2 IPA G . 0.95 13.97 -7.52
S SO4 H . -16.93 26.00 19.22
O1 SO4 H . -17.93 25.86 18.17
O2 SO4 H . -16.13 24.78 19.28
O3 SO4 H . -16.07 27.14 18.94
O4 SO4 H . -17.59 26.20 20.51
C1 IPA I . -22.36 23.93 25.65
C2 IPA I . -21.40 23.39 24.58
C3 IPA I . -21.53 21.88 24.36
O2 IPA I . -21.68 24.03 23.36
H11 IPA I . -23.01 24.67 25.20
H12 IPA I . -21.78 24.38 26.46
H13 IPA I . -22.96 23.11 26.04
H2 IPA I . -20.38 23.61 24.88
H31 IPA I . -21.79 21.68 23.33
H32 IPA I . -22.30 21.48 25.01
H33 IPA I . -20.58 21.40 24.60
HO2 IPA I . -20.84 24.19 22.88
C1 IPA J . -21.27 8.90 27.78
C2 IPA J . -22.64 8.37 27.32
C3 IPA J . -23.04 7.07 27.99
O2 IPA J . -23.62 9.34 27.62
H11 IPA J . -21.40 9.88 28.22
H12 IPA J . -20.61 8.96 26.93
H13 IPA J . -20.86 8.21 28.51
H2 IPA J . -22.62 8.23 26.23
H31 IPA J . -23.97 7.20 28.53
H32 IPA J . -22.25 6.76 28.68
H33 IPA J . -23.16 6.29 27.22
HO2 IPA J . -24.33 9.31 26.95
C1 IPA K . -1.78 -13.45 10.73
C2 IPA K . -1.41 -11.97 10.86
C3 IPA K . -2.51 -11.03 10.39
O2 IPA K . -1.12 -11.68 12.21
H11 IPA K . -1.75 -13.92 11.73
H12 IPA K . -1.08 -13.95 10.07
H13 IPA K . -2.80 -13.54 10.34
H2 IPA K . -0.51 -11.78 10.27
H31 IPA K . -2.81 -10.38 11.21
H32 IPA K . -3.37 -11.62 10.06
H33 IPA K . -2.14 -10.43 9.56
HO2 IPA K . -0.74 -10.78 12.28
C1 IPA L . -2.61 -0.94 48.62
C2 IPA L . -2.84 -1.04 47.11
C3 IPA L . -4.22 -1.56 46.72
O2 IPA L . -2.67 0.24 46.56
H11 IPA L . -2.38 0.09 48.88
H12 IPA L . -1.78 -1.58 48.91
H13 IPA L . -3.51 -1.27 49.14
H2 IPA L . -2.08 -1.71 46.69
H31 IPA L . -4.73 -0.80 46.12
H32 IPA L . -4.80 -1.75 47.62
H33 IPA L . -4.12 -2.47 46.14
HO2 IPA L . -1.84 0.28 46.06
#